data_4E5V
#
_entry.id   4E5V
#
_cell.length_a   42.590
_cell.length_b   95.370
_cell.length_c   70.600
_cell.angle_alpha   90.000
_cell.angle_beta   102.140
_cell.angle_gamma   90.000
#
_symmetry.space_group_name_H-M   'P 1 21 1'
#
loop_
_entity.id
_entity.type
_entity.pdbx_description
1 polymer 'Putative thua-like protein'
2 non-polymer 'ZINC ION'
3 non-polymer 1,2-ETHANEDIOL
4 water water
#
_entity_poly.entity_id   1
_entity_poly.type   'polypeptide(L)'
_entity_poly.pdbx_seq_one_letter_code
;GRKPIKTLLITGQNNHNWQVSHVVLKQILENSGRFDVDFVISPEQGKD(MSE)SGFVLDFSPYQLVVLDYNGDSWPEETN
RRFLEYVQNGGGVVIYHAADNAFSKWPEFNRICALGGWEGRNENSGPYVYWKDGKLVKDSSAGPGGSHGRQHEYVLNGRD
KVHPVVKGLPLKWRHAKDELYDR(MSE)RGPGNIRDILYTAYSDKETNGSGREEPLVFTVDYGNARIFHT(MSE)LGHAG
ATTEDNIA(MSE)QCTGFQVLLLRGAEWAATGKVTQKVPKDFPTETTCSYRKDYKEN
;
_entity_poly.pdbx_strand_id   A,B
#
# COMPACT_ATOMS: atom_id res chain seq x y z
N ARG A 2 25.56 -25.20 17.27
CA ARG A 2 25.11 -24.56 18.51
C ARG A 2 23.87 -25.26 19.09
N LYS A 3 23.68 -25.13 20.41
CA LYS A 3 22.52 -25.69 21.12
C LYS A 3 21.26 -24.89 20.77
N PRO A 4 20.07 -25.52 20.61
CA PRO A 4 18.86 -24.73 20.33
C PRO A 4 18.51 -23.76 21.46
N ILE A 5 17.82 -22.68 21.12
CA ILE A 5 17.42 -21.64 22.07
C ILE A 5 16.26 -22.17 22.91
N LYS A 6 16.46 -22.22 24.25
CA LYS A 6 15.43 -22.72 25.19
C LYS A 6 14.32 -21.67 25.28
N THR A 7 13.10 -22.06 24.85
CA THR A 7 11.97 -21.15 24.71
C THR A 7 10.76 -21.60 25.51
N LEU A 8 10.12 -20.64 26.17
CA LEU A 8 8.91 -20.87 26.94
C LEU A 8 7.76 -20.18 26.22
N LEU A 9 6.74 -20.94 25.89
CA LEU A 9 5.59 -20.36 25.20
C LEU A 9 4.39 -20.39 26.14
N ILE A 10 3.91 -19.21 26.53
CA ILE A 10 2.80 -19.08 27.49
C ILE A 10 1.46 -18.95 26.75
N THR A 11 0.52 -19.86 27.04
CA THR A 11 -0.78 -19.83 26.38
C THR A 11 -1.87 -20.40 27.31
N GLY A 12 -3.04 -20.69 26.75
CA GLY A 12 -4.12 -21.33 27.51
C GLY A 12 -5.41 -20.54 27.63
N GLN A 13 -5.30 -19.22 27.46
CA GLN A 13 -6.43 -18.31 27.40
C GLN A 13 -6.15 -17.34 26.28
N ASN A 14 -7.19 -17.06 25.49
CA ASN A 14 -7.10 -16.11 24.37
C ASN A 14 -8.45 -15.96 23.74
N ASN A 15 -8.78 -14.75 23.27
CA ASN A 15 -10.04 -14.58 22.52
C ASN A 15 -9.83 -15.20 21.12
N HIS A 16 -8.55 -15.37 20.70
CA HIS A 16 -8.18 -16.01 19.43
C HIS A 16 -8.09 -17.54 19.59
N ASN A 17 -7.92 -18.26 18.45
CA ASN A 17 -7.84 -19.71 18.43
C ASN A 17 -6.43 -20.17 18.86
N TRP A 18 -6.14 -20.04 20.17
CA TRP A 18 -4.81 -20.35 20.71
C TRP A 18 -4.49 -21.86 20.57
N GLN A 19 -5.53 -22.71 20.47
CA GLN A 19 -5.34 -24.16 20.32
C GLN A 19 -4.58 -24.43 19.00
N VAL A 20 -4.81 -23.58 17.98
CA VAL A 20 -4.13 -23.66 16.70
C VAL A 20 -2.81 -22.88 16.79
N SER A 21 -2.86 -21.60 17.21
CA SER A 21 -1.64 -20.79 17.17
C SER A 21 -0.47 -21.34 18.01
N HIS A 22 -0.74 -21.86 19.23
CA HIS A 22 0.38 -22.31 20.06
C HIS A 22 1.13 -23.50 19.39
N VAL A 23 0.39 -24.41 18.75
N VAL A 23 0.41 -24.43 18.76
CA VAL A 23 0.95 -25.56 18.03
CA VAL A 23 1.06 -25.55 18.11
C VAL A 23 1.81 -25.07 16.85
C VAL A 23 1.81 -25.11 16.82
N VAL A 24 1.24 -24.14 16.07
CA VAL A 24 1.88 -23.62 14.86
C VAL A 24 3.16 -22.83 15.24
N LEU A 25 3.07 -21.99 16.28
CA LEU A 25 4.25 -21.21 16.75
C LEU A 25 5.39 -22.18 17.12
N LYS A 26 5.08 -23.27 17.87
CA LYS A 26 6.09 -24.26 18.22
C LYS A 26 6.68 -24.90 16.96
N GLN A 27 5.83 -25.30 16.00
CA GLN A 27 6.31 -25.92 14.76
C GLN A 27 7.19 -24.98 13.95
N ILE A 28 6.80 -23.70 13.80
CA ILE A 28 7.63 -22.77 13.04
C ILE A 28 9.03 -22.69 13.67
N LEU A 29 9.07 -22.45 14.98
CA LEU A 29 10.35 -22.30 15.69
C LEU A 29 11.17 -23.60 15.66
N GLU A 30 10.57 -24.73 16.03
CA GLU A 30 11.31 -25.99 16.12
C GLU A 30 11.73 -26.56 14.77
N ASN A 31 10.90 -26.37 13.71
CA ASN A 31 11.24 -26.86 12.36
C ASN A 31 12.52 -26.21 11.80
N SER A 32 12.88 -25.02 12.30
CA SER A 32 14.12 -24.34 11.88
C SER A 32 15.38 -25.02 12.49
N GLY A 33 15.18 -25.85 13.53
CA GLY A 33 16.23 -26.51 14.29
C GLY A 33 16.95 -25.57 15.25
N ARG A 34 16.48 -24.30 15.38
CA ARG A 34 17.16 -23.28 16.19
C ARG A 34 16.56 -23.06 17.57
N PHE A 35 15.38 -23.65 17.85
CA PHE A 35 14.67 -23.47 19.10
C PHE A 35 14.14 -24.77 19.68
N ASP A 36 14.11 -24.86 21.02
CA ASP A 36 13.54 -25.97 21.80
C ASP A 36 12.39 -25.33 22.60
N VAL A 37 11.14 -25.63 22.24
CA VAL A 37 9.98 -24.92 22.81
C VAL A 37 9.23 -25.76 23.83
N ASP A 38 8.99 -25.16 25.01
CA ASP A 38 8.17 -25.74 26.06
C ASP A 38 6.89 -24.96 26.20
N PHE A 39 5.75 -25.65 26.16
CA PHE A 39 4.47 -25.01 26.41
C PHE A 39 4.16 -24.93 27.88
N VAL A 40 3.49 -23.85 28.30
CA VAL A 40 2.85 -23.77 29.60
C VAL A 40 1.44 -23.33 29.30
N ILE A 41 0.48 -24.19 29.62
CA ILE A 41 -0.93 -23.96 29.31
C ILE A 41 -1.68 -23.65 30.61
N SER A 42 -2.21 -22.44 30.68
CA SER A 42 -2.94 -21.99 31.87
C SER A 42 -4.25 -22.72 32.09
N PRO A 43 -4.81 -22.64 33.32
CA PRO A 43 -6.21 -23.03 33.49
C PRO A 43 -7.09 -22.19 32.57
N GLU A 44 -8.30 -22.69 32.27
CA GLU A 44 -9.28 -22.01 31.41
C GLU A 44 -9.86 -20.76 32.10
N GLN A 45 -10.52 -19.89 31.32
N GLN A 45 -10.52 -19.88 31.32
CA GLN A 45 -11.12 -18.63 31.79
CA GLN A 45 -11.11 -18.63 31.80
C GLN A 45 -12.07 -18.90 32.96
C GLN A 45 -12.07 -18.89 32.95
N GLY A 46 -11.90 -18.14 34.03
CA GLY A 46 -12.73 -18.23 35.23
C GLY A 46 -12.29 -19.27 36.25
N LYS A 47 -11.27 -20.08 35.93
CA LYS A 47 -10.77 -21.09 36.86
C LYS A 47 -9.71 -20.49 37.80
N ASP A 48 -9.42 -21.19 38.90
CA ASP A 48 -8.39 -20.77 39.85
C ASP A 48 -7.02 -20.69 39.13
N SER A 50 -4.19 -19.49 40.79
CA SER A 50 -3.14 -19.45 41.81
C SER A 50 -1.98 -20.48 41.60
N GLY A 51 -2.26 -21.60 40.93
CA GLY A 51 -1.25 -22.61 40.67
C GLY A 51 -0.44 -22.42 39.39
N PHE A 52 -0.77 -21.37 38.59
CA PHE A 52 -0.07 -21.12 37.33
C PHE A 52 1.22 -20.30 37.60
N VAL A 53 2.11 -20.91 38.39
CA VAL A 53 3.36 -20.30 38.84
C VAL A 53 4.48 -20.77 37.94
N LEU A 54 5.04 -19.85 37.16
CA LEU A 54 6.04 -20.18 36.15
C LEU A 54 7.45 -19.94 36.63
N ASP A 55 8.40 -20.72 36.08
CA ASP A 55 9.82 -20.61 36.37
C ASP A 55 10.51 -20.19 35.07
N PHE A 56 11.02 -18.95 35.03
CA PHE A 56 11.65 -18.40 33.82
C PHE A 56 13.16 -18.69 33.73
N SER A 57 13.77 -19.13 34.84
CA SER A 57 15.24 -19.37 34.96
C SER A 57 15.81 -20.31 33.84
N PRO A 58 15.12 -21.38 33.34
CA PRO A 58 15.76 -22.20 32.29
C PRO A 58 15.76 -21.58 30.88
N TYR A 59 15.07 -20.46 30.68
CA TYR A 59 14.81 -19.95 29.34
C TYR A 59 15.57 -18.71 28.90
N GLN A 60 15.85 -18.66 27.58
CA GLN A 60 16.51 -17.54 26.92
CA GLN A 60 16.52 -17.55 26.90
C GLN A 60 15.47 -16.71 26.16
N LEU A 61 14.28 -17.31 25.92
CA LEU A 61 13.20 -16.64 25.20
C LEU A 61 11.84 -17.01 25.75
N VAL A 62 10.95 -16.00 25.81
CA VAL A 62 9.56 -16.18 26.21
C VAL A 62 8.67 -15.71 25.05
N VAL A 63 7.74 -16.55 24.62
CA VAL A 63 6.82 -16.22 23.53
C VAL A 63 5.42 -16.12 24.14
N LEU A 64 4.77 -14.96 24.01
CA LEU A 64 3.43 -14.77 24.58
C LEU A 64 2.33 -15.00 23.55
N ASP A 65 1.43 -15.93 23.84
CA ASP A 65 0.26 -16.24 23.00
C ASP A 65 -0.92 -16.35 23.95
N TYR A 66 -1.15 -15.26 24.69
CA TYR A 66 -2.10 -15.27 25.78
C TYR A 66 -2.78 -13.95 25.96
N ASN A 67 -4.07 -14.00 26.30
CA ASN A 67 -4.83 -12.86 26.83
C ASN A 67 -5.99 -13.43 27.64
N GLY A 68 -6.43 -12.68 28.64
CA GLY A 68 -7.52 -13.11 29.51
C GLY A 68 -7.19 -12.89 30.97
N ASP A 69 -7.47 -13.90 31.82
CA ASP A 69 -7.27 -13.78 33.26
C ASP A 69 -5.83 -13.47 33.61
N SER A 70 -5.66 -12.62 34.62
CA SER A 70 -4.33 -12.29 35.10
C SER A 70 -3.61 -13.54 35.60
N TRP A 71 -2.30 -13.63 35.33
CA TRP A 71 -1.47 -14.68 35.91
C TRP A 71 -1.37 -14.36 37.42
N PRO A 72 -1.03 -15.35 38.27
CA PRO A 72 -0.89 -15.06 39.71
C PRO A 72 0.27 -14.12 39.95
N GLU A 73 0.23 -13.40 41.08
CA GLU A 73 1.22 -12.38 41.45
C GLU A 73 2.66 -12.89 41.35
N GLU A 74 2.94 -14.13 41.77
CA GLU A 74 4.31 -14.68 41.71
C GLU A 74 4.80 -14.81 40.26
N THR A 75 3.91 -15.21 39.35
CA THR A 75 4.30 -15.29 37.93
C THR A 75 4.55 -13.88 37.40
N ASN A 76 3.70 -12.92 37.78
CA ASN A 76 3.84 -11.52 37.30
C ASN A 76 5.20 -10.97 37.76
N ARG A 77 5.56 -11.17 39.04
CA ARG A 77 6.83 -10.74 39.63
CA ARG A 77 6.83 -10.73 39.62
C ARG A 77 8.00 -11.41 38.90
N ARG A 78 7.92 -12.74 38.69
CA ARG A 78 9.01 -13.46 38.02
C ARG A 78 9.15 -13.05 36.57
N PHE A 79 8.03 -12.78 35.88
CA PHE A 79 8.10 -12.33 34.47
C PHE A 79 8.84 -10.98 34.39
N LEU A 80 8.47 -10.04 35.28
CA LEU A 80 9.13 -8.72 35.30
C LEU A 80 10.62 -8.84 35.60
N GLU A 81 11.00 -9.72 36.55
CA GLU A 81 12.41 -9.99 36.91
C GLU A 81 13.16 -10.55 35.66
N TYR A 82 12.54 -11.50 34.98
CA TYR A 82 13.11 -12.08 33.75
C TYR A 82 13.37 -10.99 32.69
N VAL A 83 12.38 -10.12 32.46
CA VAL A 83 12.47 -9.05 31.43
C VAL A 83 13.53 -8.02 31.81
N GLN A 84 13.48 -7.53 33.06
CA GLN A 84 14.40 -6.53 33.58
C GLN A 84 15.86 -7.03 33.62
N ASN A 85 16.08 -8.36 33.70
CA ASN A 85 17.42 -8.93 33.68
C ASN A 85 17.90 -9.21 32.22
N GLY A 86 17.39 -8.46 31.25
CA GLY A 86 17.78 -8.59 29.84
C GLY A 86 17.15 -9.76 29.11
N GLY A 87 15.96 -10.16 29.56
CA GLY A 87 15.23 -11.27 28.96
C GLY A 87 14.72 -10.98 27.56
N GLY A 88 14.60 -12.04 26.76
CA GLY A 88 14.07 -11.94 25.41
C GLY A 88 12.60 -12.28 25.41
N VAL A 89 11.79 -11.44 24.76
CA VAL A 89 10.34 -11.63 24.67
C VAL A 89 9.85 -11.45 23.24
N VAL A 90 8.93 -12.32 22.82
CA VAL A 90 8.19 -12.18 21.57
C VAL A 90 6.73 -11.95 21.95
N ILE A 91 6.16 -10.79 21.53
CA ILE A 91 4.74 -10.44 21.72
CA ILE A 91 4.73 -10.50 21.75
C ILE A 91 4.05 -10.79 20.42
N TYR A 92 3.11 -11.72 20.42
CA TYR A 92 2.45 -12.16 19.20
C TYR A 92 0.96 -11.80 19.16
N HIS A 93 0.60 -11.03 18.11
CA HIS A 93 -0.74 -10.60 17.74
C HIS A 93 -1.54 -10.13 18.98
N ALA A 94 -2.67 -10.78 19.34
CA ALA A 94 -3.52 -10.29 20.44
C ALA A 94 -2.96 -10.51 21.85
N ALA A 95 -1.70 -10.99 22.00
CA ALA A 95 -1.05 -11.00 23.31
C ALA A 95 -0.91 -9.54 23.78
N ASP A 96 -0.84 -8.58 22.83
CA ASP A 96 -0.72 -7.15 23.17
C ASP A 96 -2.06 -6.57 23.68
N ASN A 97 -3.15 -7.34 23.61
CA ASN A 97 -4.44 -6.94 24.19
C ASN A 97 -4.48 -7.19 25.69
N ALA A 98 -3.65 -8.13 26.17
CA ALA A 98 -3.70 -8.60 27.56
C ALA A 98 -3.41 -7.54 28.60
N PHE A 99 -3.95 -7.77 29.79
CA PHE A 99 -3.64 -7.12 31.05
C PHE A 99 -3.63 -5.59 30.92
N SER A 100 -4.75 -5.05 30.44
CA SER A 100 -4.91 -3.60 30.25
C SER A 100 -4.67 -2.81 31.56
N LYS A 101 -4.90 -3.42 32.74
CA LYS A 101 -4.73 -2.71 34.01
C LYS A 101 -3.36 -2.94 34.68
N TRP A 102 -2.42 -3.57 33.95
CA TRP A 102 -1.06 -3.82 34.44
C TRP A 102 -0.10 -2.86 33.74
N PRO A 103 0.25 -1.71 34.39
CA PRO A 103 1.10 -0.70 33.71
C PRO A 103 2.40 -1.26 33.14
N GLU A 104 3.12 -2.11 33.91
N GLU A 104 3.15 -2.10 33.90
CA GLU A 104 4.40 -2.68 33.49
CA GLU A 104 4.44 -2.63 33.40
C GLU A 104 4.25 -3.50 32.20
C GLU A 104 4.24 -3.47 32.14
N PHE A 105 3.16 -4.27 32.09
CA PHE A 105 2.88 -5.08 30.90
C PHE A 105 2.67 -4.18 29.67
N ASN A 106 1.93 -3.08 29.84
CA ASN A 106 1.65 -2.19 28.72
C ASN A 106 2.93 -1.46 28.26
N ARG A 107 3.90 -1.25 29.18
CA ARG A 107 5.22 -0.69 28.83
C ARG A 107 6.05 -1.73 28.07
N ILE A 108 5.93 -3.02 28.44
CA ILE A 108 6.65 -4.10 27.75
C ILE A 108 6.13 -4.22 26.30
N CYS A 109 4.81 -4.00 26.06
CA CYS A 109 4.25 -4.08 24.70
C CYS A 109 4.41 -2.79 23.88
N ALA A 110 4.45 -1.63 24.58
CA ALA A 110 4.48 -0.24 24.05
C ALA A 110 3.10 0.17 23.48
N LEU A 111 2.48 -0.72 22.69
CA LEU A 111 1.18 -0.50 22.11
C LEU A 111 0.31 -1.72 22.31
N GLY A 112 -0.96 -1.46 22.58
CA GLY A 112 -1.96 -2.50 22.74
C GLY A 112 -3.32 -2.05 22.22
N GLY A 113 -4.29 -2.91 22.37
CA GLY A 113 -5.61 -2.59 21.88
C GLY A 113 -6.67 -3.43 22.55
N TRP A 114 -7.92 -2.98 22.43
CA TRP A 114 -9.10 -3.67 22.98
C TRP A 114 -8.99 -3.74 24.52
N GLU A 115 -9.81 -4.60 25.18
CA GLU A 115 -9.93 -4.60 26.66
C GLU A 115 -10.24 -3.18 27.21
N GLY A 116 -11.09 -2.44 26.51
CA GLY A 116 -11.50 -1.09 26.88
C GLY A 116 -10.46 0.01 26.75
N ARG A 117 -9.33 -0.24 26.06
CA ARG A 117 -8.32 0.80 25.87
C ARG A 117 -8.88 1.98 25.03
N ASN A 118 -8.42 3.20 25.32
CA ASN A 118 -8.80 4.44 24.63
C ASN A 118 -7.71 5.48 24.91
N GLU A 119 -8.00 6.81 24.82
CA GLU A 119 -6.95 7.81 25.06
C GLU A 119 -6.39 7.75 26.50
N ASN A 120 -7.14 7.15 27.45
CA ASN A 120 -6.62 6.99 28.83
C ASN A 120 -5.46 5.99 28.88
N SER A 121 -5.30 5.14 27.85
CA SER A 121 -4.27 4.09 27.79
C SER A 121 -2.93 4.62 27.31
N GLY A 122 -2.96 5.82 26.74
CA GLY A 122 -1.77 6.44 26.18
C GLY A 122 -1.99 6.89 24.74
N PRO A 123 -0.95 7.44 24.09
CA PRO A 123 -1.14 7.95 22.73
C PRO A 123 -1.21 6.90 21.63
N TYR A 124 -1.63 7.34 20.45
CA TYR A 124 -1.44 6.65 19.20
C TYR A 124 0.01 6.86 18.82
N VAL A 125 0.64 5.88 18.15
CA VAL A 125 1.98 6.02 17.58
C VAL A 125 1.88 5.52 16.14
N TYR A 126 2.18 6.40 15.17
CA TYR A 126 2.11 5.97 13.75
C TYR A 126 3.14 6.71 12.91
N TRP A 127 3.32 6.26 11.67
CA TRP A 127 4.29 6.85 10.77
C TRP A 127 3.68 8.03 10.02
N LYS A 128 4.30 9.21 10.12
CA LYS A 128 3.79 10.40 9.44
C LYS A 128 4.94 11.22 8.93
N ASP A 129 4.94 11.46 7.60
CA ASP A 129 5.92 12.29 6.91
C ASP A 129 7.37 11.94 7.27
N GLY A 130 7.70 10.65 7.18
CA GLY A 130 9.08 10.17 7.37
C GLY A 130 9.55 9.84 8.77
N LYS A 131 8.63 9.76 9.75
CA LYS A 131 9.02 9.39 11.13
C LYS A 131 7.82 8.98 11.95
N LEU A 132 8.08 8.34 13.10
CA LEU A 132 7.01 8.01 14.04
C LEU A 132 6.62 9.28 14.77
N VAL A 133 5.33 9.46 15.00
CA VAL A 133 4.77 10.59 15.74
C VAL A 133 3.86 10.04 16.84
N LYS A 134 3.72 10.78 17.94
CA LYS A 134 2.80 10.45 19.04
C LYS A 134 1.58 11.32 18.89
N ASP A 135 0.39 10.76 19.08
CA ASP A 135 -0.85 11.53 18.89
C ASP A 135 -1.77 11.19 20.03
N SER A 136 -2.03 12.15 20.93
N SER A 136 -2.02 12.16 20.93
CA SER A 136 -2.85 11.90 22.12
CA SER A 136 -2.83 11.94 22.12
C SER A 136 -4.35 12.20 21.93
C SER A 136 -4.32 12.36 21.94
N SER A 137 -4.79 12.50 20.69
CA SER A 137 -6.19 12.82 20.38
CA SER A 137 -6.19 12.85 20.42
C SER A 137 -7.12 11.72 20.85
N ALA A 138 -8.35 12.08 21.27
CA ALA A 138 -9.34 11.13 21.75
C ALA A 138 -9.71 10.15 20.66
N GLY A 139 -9.92 8.92 21.06
CA GLY A 139 -10.29 7.88 20.11
C GLY A 139 -10.12 6.48 20.68
N PRO A 140 -10.57 5.50 19.87
CA PRO A 140 -10.51 4.10 20.34
C PRO A 140 -9.11 3.55 20.35
N GLY A 141 -8.87 2.65 21.29
CA GLY A 141 -7.59 1.98 21.45
C GLY A 141 -7.74 0.58 20.91
N GLY A 142 -7.37 0.40 19.64
CA GLY A 142 -7.42 -0.88 18.97
C GLY A 142 -8.59 -1.00 18.02
N SER A 143 -8.26 -1.21 16.75
CA SER A 143 -9.24 -1.49 15.70
C SER A 143 -8.56 -2.28 14.58
N HIS A 144 -9.35 -2.82 13.65
CA HIS A 144 -8.84 -3.47 12.45
C HIS A 144 -10.00 -3.48 11.46
N GLY A 145 -9.69 -3.56 10.18
CA GLY A 145 -10.72 -3.63 9.17
C GLY A 145 -10.98 -5.08 8.80
N ARG A 146 -11.42 -5.31 7.56
CA ARG A 146 -11.61 -6.69 7.11
C ARG A 146 -10.23 -7.31 6.87
N GLN A 147 -10.13 -8.65 6.88
CA GLN A 147 -8.86 -9.32 6.54
C GLN A 147 -8.54 -9.08 5.08
N HIS A 148 -7.27 -8.80 4.78
CA HIS A 148 -6.86 -8.51 3.40
C HIS A 148 -5.36 -8.68 3.27
N GLU A 149 -4.88 -8.82 2.03
CA GLU A 149 -3.44 -8.81 1.81
C GLU A 149 -2.99 -7.38 1.84
N TYR A 150 -1.79 -7.11 2.37
CA TYR A 150 -1.32 -5.72 2.37
C TYR A 150 0.20 -5.71 2.26
N VAL A 151 0.76 -4.57 1.84
CA VAL A 151 2.20 -4.44 1.63
C VAL A 151 2.84 -3.82 2.88
N LEU A 152 3.83 -4.52 3.45
CA LEU A 152 4.61 -4.03 4.60
C LEU A 152 5.76 -3.18 4.07
N ASN A 153 6.00 -2.03 4.72
CA ASN A 153 7.06 -1.11 4.36
C ASN A 153 8.16 -1.12 5.42
N GLY A 154 9.39 -1.43 5.01
CA GLY A 154 10.51 -1.43 5.94
C GLY A 154 10.89 -0.03 6.34
N ARG A 155 11.11 0.20 7.64
CA ARG A 155 11.45 1.54 8.13
C ARG A 155 12.84 1.56 8.73
N ASP A 156 13.50 0.41 8.64
CA ASP A 156 14.84 0.17 9.17
C ASP A 156 15.53 -0.78 8.20
N LYS A 157 16.73 -0.45 7.80
CA LYS A 157 17.51 -1.27 6.88
C LYS A 157 18.63 -1.98 7.62
N VAL A 158 18.93 -1.53 8.84
CA VAL A 158 20.09 -1.94 9.61
C VAL A 158 19.79 -2.99 10.68
N HIS A 159 18.60 -2.92 11.31
CA HIS A 159 18.29 -3.81 12.42
C HIS A 159 18.55 -5.28 12.04
N PRO A 160 19.22 -6.07 12.91
CA PRO A 160 19.47 -7.50 12.60
C PRO A 160 18.24 -8.26 12.08
N VAL A 161 17.03 -7.99 12.61
CA VAL A 161 15.80 -8.69 12.17
C VAL A 161 15.47 -8.40 10.69
N VAL A 162 15.74 -7.19 10.20
CA VAL A 162 15.33 -6.82 8.83
C VAL A 162 16.48 -6.75 7.82
N LYS A 163 17.74 -6.75 8.30
CA LYS A 163 18.92 -6.60 7.42
C LYS A 163 18.92 -7.64 6.30
N GLY A 164 18.87 -7.15 5.05
CA GLY A 164 18.88 -7.99 3.86
C GLY A 164 17.50 -8.30 3.29
N LEU A 165 16.43 -8.01 4.04
CA LEU A 165 15.07 -8.31 3.55
C LEU A 165 14.59 -7.20 2.59
N PRO A 166 13.65 -7.47 1.64
CA PRO A 166 13.21 -6.39 0.73
C PRO A 166 12.53 -5.27 1.51
N LEU A 167 12.65 -4.04 1.01
CA LEU A 167 12.05 -2.86 1.64
C LEU A 167 10.52 -2.92 1.65
N LYS A 168 9.92 -3.62 0.67
CA LYS A 168 8.46 -3.79 0.56
C LYS A 168 8.13 -5.24 0.27
N TRP A 169 7.13 -5.80 0.96
CA TRP A 169 6.74 -7.18 0.69
C TRP A 169 5.27 -7.38 1.02
N ARG A 170 4.58 -8.23 0.25
CA ARG A 170 3.17 -8.49 0.45
C ARG A 170 2.94 -9.61 1.45
N HIS A 171 2.18 -9.29 2.51
CA HIS A 171 1.81 -10.24 3.54
C HIS A 171 0.50 -10.91 3.14
N ALA A 172 0.37 -12.22 3.47
CA ALA A 172 -0.83 -12.95 3.14
C ALA A 172 -2.06 -12.39 3.91
N LYS A 173 -3.28 -12.73 3.44
CA LYS A 173 -4.55 -12.27 4.02
C LYS A 173 -4.52 -12.34 5.54
N ASP A 174 -4.75 -11.19 6.18
CA ASP A 174 -4.67 -11.06 7.63
C ASP A 174 -5.37 -9.79 8.08
N GLU A 175 -5.54 -9.66 9.37
CA GLU A 175 -6.00 -8.39 9.96
C GLU A 175 -4.82 -7.43 9.94
N LEU A 176 -5.13 -6.15 9.84
CA LEU A 176 -4.15 -5.08 9.89
C LEU A 176 -4.52 -4.25 11.11
N TYR A 177 -3.84 -4.53 12.25
CA TYR A 177 -4.10 -3.79 13.49
C TYR A 177 -3.88 -2.31 13.30
N ASP A 178 -4.83 -1.48 13.77
CA ASP A 178 -4.69 -0.05 13.59
C ASP A 178 -5.20 0.67 14.85
N ARG A 179 -4.88 1.97 14.95
CA ARG A 179 -5.28 2.82 16.08
C ARG A 179 -4.92 2.18 17.44
N ARG A 181 -2.92 1.78 21.00
CA ARG A 181 -2.55 2.81 21.97
C ARG A 181 -1.81 2.22 23.12
N GLY A 182 -0.95 3.02 23.73
CA GLY A 182 -0.18 2.58 24.88
C GLY A 182 0.87 3.60 25.21
N PRO A 183 1.78 3.30 26.15
CA PRO A 183 2.84 4.27 26.48
C PRO A 183 3.68 4.70 25.26
N GLY A 184 3.73 3.86 24.22
CA GLY A 184 4.34 4.17 22.94
C GLY A 184 5.85 4.20 22.89
N ASN A 185 6.50 3.51 23.83
CA ASN A 185 7.97 3.43 23.97
C ASN A 185 8.58 2.44 22.97
N ILE A 186 8.37 2.70 21.66
CA ILE A 186 8.94 1.89 20.61
C ILE A 186 10.43 2.19 20.51
N ARG A 187 11.26 1.15 20.42
CA ARG A 187 12.70 1.32 20.23
C ARG A 187 12.94 1.49 18.72
N ASP A 188 12.79 0.41 17.94
CA ASP A 188 13.00 0.44 16.50
C ASP A 188 11.76 0.00 15.77
N ILE A 189 11.35 0.81 14.78
CA ILE A 189 10.18 0.49 13.96
C ILE A 189 10.70 -0.29 12.77
N LEU A 190 10.25 -1.54 12.62
CA LEU A 190 10.78 -2.37 11.56
C LEU A 190 9.86 -2.35 10.33
N TYR A 191 8.54 -2.57 10.53
CA TYR A 191 7.58 -2.54 9.42
C TYR A 191 6.33 -1.83 9.80
N THR A 192 5.81 -1.06 8.84
CA THR A 192 4.51 -0.40 8.91
C THR A 192 3.69 -0.84 7.70
N ALA A 193 2.41 -0.52 7.69
CA ALA A 193 1.58 -0.74 6.50
C ALA A 193 0.51 0.32 6.43
N TYR A 194 0.13 0.71 5.22
CA TYR A 194 -0.95 1.66 5.00
C TYR A 194 -2.26 0.95 5.31
N SER A 195 -3.02 1.51 6.25
CA SER A 195 -4.32 0.98 6.62
C SER A 195 -5.40 1.79 5.88
N ASP A 196 -5.88 1.29 4.73
CA ASP A 196 -6.84 2.00 3.90
C ASP A 196 -8.22 2.09 4.56
N LYS A 197 -8.78 3.31 4.63
CA LYS A 197 -10.14 3.52 5.19
C LYS A 197 -11.18 2.67 4.45
N GLU A 198 -10.97 2.38 3.14
CA GLU A 198 -11.94 1.60 2.38
C GLU A 198 -11.84 0.06 2.63
N THR A 199 -10.95 -0.37 3.53
CA THR A 199 -10.87 -1.76 4.01
C THR A 199 -11.38 -1.77 5.45
N ASN A 200 -11.96 -0.61 5.88
CA ASN A 200 -12.46 -0.30 7.24
CA ASN A 200 -12.46 -0.33 7.24
C ASN A 200 -11.25 -0.08 8.18
N GLY A 201 -10.17 0.44 7.59
CA GLY A 201 -8.92 0.80 8.29
C GLY A 201 -8.95 2.21 8.82
N SER A 202 -7.80 2.69 9.32
CA SER A 202 -7.70 4.01 9.96
C SER A 202 -7.35 5.17 9.03
N GLY A 203 -6.76 4.85 7.87
CA GLY A 203 -6.23 5.84 6.94
C GLY A 203 -4.75 6.12 7.22
N ARG A 204 -4.21 5.58 8.33
CA ARG A 204 -2.81 5.86 8.74
C ARG A 204 -1.82 4.81 8.26
N GLU A 205 -0.52 5.18 8.29
CA GLU A 205 0.60 4.25 8.08
C GLU A 205 0.92 3.71 9.48
N GLU A 206 0.41 2.51 9.77
CA GLU A 206 0.41 1.92 11.10
C GLU A 206 1.61 1.04 11.41
N PRO A 207 2.12 1.09 12.68
CA PRO A 207 3.25 0.20 13.05
C PRO A 207 2.75 -1.24 13.26
N LEU A 208 3.45 -2.22 12.70
CA LEU A 208 3.00 -3.60 12.87
C LEU A 208 4.08 -4.52 13.40
N VAL A 209 5.36 -4.20 13.11
CA VAL A 209 6.50 -5.03 13.56
C VAL A 209 7.54 -4.08 14.13
N PHE A 210 7.85 -4.22 15.42
CA PHE A 210 8.80 -3.29 16.04
C PHE A 210 9.37 -3.88 17.33
N THR A 211 10.40 -3.23 17.86
CA THR A 211 11.05 -3.61 19.12
C THR A 211 10.67 -2.56 20.15
N VAL A 212 10.72 -2.94 21.43
CA VAL A 212 10.27 -2.05 22.49
C VAL A 212 11.42 -1.60 23.37
N ASP A 213 11.41 -0.30 23.74
CA ASP A 213 12.44 0.28 24.61
CA ASP A 213 12.43 0.28 24.60
C ASP A 213 12.02 0.08 26.07
N TYR A 214 12.61 -0.94 26.73
CA TYR A 214 12.28 -1.26 28.11
C TYR A 214 13.53 -1.79 28.82
N GLY A 215 14.32 -0.87 29.37
CA GLY A 215 15.57 -1.22 30.04
C GLY A 215 16.50 -1.93 29.09
N ASN A 216 17.08 -3.07 29.54
CA ASN A 216 17.98 -3.85 28.69
CA ASN A 216 17.98 -3.88 28.72
C ASN A 216 17.26 -5.05 28.04
N ALA A 217 15.92 -5.13 28.13
CA ALA A 217 15.19 -6.24 27.53
C ALA A 217 15.19 -6.16 26.01
N ARG A 218 15.15 -7.33 25.34
CA ARG A 218 15.03 -7.42 23.89
C ARG A 218 13.63 -7.90 23.63
N ILE A 219 12.75 -6.98 23.25
CA ILE A 219 11.33 -7.29 23.06
C ILE A 219 10.96 -7.11 21.60
N PHE A 220 10.50 -8.19 20.98
CA PHE A 220 10.07 -8.19 19.58
C PHE A 220 8.56 -8.28 19.54
N HIS A 221 7.92 -7.27 18.94
CA HIS A 221 6.45 -7.21 18.89
C HIS A 221 6.00 -7.35 17.43
N THR A 222 5.23 -8.42 17.14
CA THR A 222 4.67 -8.63 15.82
C THR A 222 3.15 -8.70 15.93
N LEU A 224 1.24 -9.24 13.44
CA LEU A 224 0.77 -10.12 12.35
C LEU A 224 0.38 -11.49 12.88
N GLY A 225 -0.40 -12.22 12.06
CA GLY A 225 -0.68 -13.63 12.30
C GLY A 225 -1.96 -14.04 12.96
N HIS A 226 -3.08 -13.35 12.67
CA HIS A 226 -4.40 -13.75 13.19
C HIS A 226 -4.59 -15.29 12.93
N ALA A 227 -4.77 -16.10 13.99
CA ALA A 227 -4.90 -17.56 13.86
C ALA A 227 -6.17 -18.00 13.13
N GLY A 228 -6.00 -18.94 12.21
CA GLY A 228 -7.09 -19.54 11.45
C GLY A 228 -7.83 -20.57 12.29
N ALA A 229 -8.87 -21.18 11.69
CA ALA A 229 -9.69 -22.14 12.41
C ALA A 229 -9.01 -23.51 12.59
N THR A 230 -8.03 -23.84 11.73
CA THR A 230 -7.31 -25.11 11.81
C THR A 230 -5.84 -24.85 11.50
N THR A 231 -4.96 -25.84 11.78
CA THR A 231 -3.51 -25.67 11.47
C THR A 231 -3.28 -25.70 9.93
N GLU A 232 -4.21 -26.33 9.17
CA GLU A 232 -4.09 -26.42 7.71
C GLU A 232 -4.61 -25.15 6.98
N ASP A 233 -5.70 -24.55 7.48
CA ASP A 233 -6.35 -23.36 6.91
C ASP A 233 -6.03 -22.18 7.81
N ASN A 234 -4.81 -21.64 7.63
CA ASN A 234 -4.24 -20.67 8.57
C ASN A 234 -3.30 -19.73 7.83
N ILE A 235 -3.84 -19.12 6.75
CA ILE A 235 -3.10 -18.33 5.78
CA ILE A 235 -3.13 -18.30 5.77
C ILE A 235 -2.22 -17.22 6.38
N ALA A 236 -2.71 -16.45 7.40
CA ALA A 236 -1.89 -15.35 7.97
C ALA A 236 -0.59 -15.84 8.60
N GLN A 238 0.68 -18.99 7.78
CA GLN A 238 1.35 -19.78 6.74
C GLN A 238 2.16 -18.88 5.83
N CYS A 239 1.93 -17.54 5.89
CA CYS A 239 2.73 -16.57 5.15
C CYS A 239 4.23 -16.76 5.47
N THR A 240 5.09 -16.84 4.43
CA THR A 240 6.55 -16.96 4.62
C THR A 240 7.10 -15.77 5.35
N GLY A 241 6.59 -14.57 5.04
CA GLY A 241 7.00 -13.33 5.69
C GLY A 241 6.76 -13.39 7.18
N PHE A 242 5.55 -13.84 7.57
CA PHE A 242 5.22 -13.97 8.99
C PHE A 242 6.25 -14.90 9.69
N GLN A 243 6.50 -16.06 9.08
CA GLN A 243 7.38 -17.05 9.66
C GLN A 243 8.84 -16.58 9.74
N VAL A 244 9.36 -15.98 8.66
CA VAL A 244 10.75 -15.48 8.62
C VAL A 244 10.92 -14.37 9.68
N LEU A 245 9.96 -13.43 9.78
CA LEU A 245 10.06 -12.37 10.79
CA LEU A 245 10.00 -12.35 10.78
C LEU A 245 9.96 -12.95 12.18
N LEU A 246 9.13 -13.98 12.40
CA LEU A 246 9.03 -14.62 13.72
C LEU A 246 10.37 -15.29 14.08
N LEU A 247 10.95 -16.06 13.15
CA LEU A 247 12.22 -16.77 13.38
C LEU A 247 13.37 -15.81 13.68
N ARG A 248 13.48 -14.73 12.89
CA ARG A 248 14.54 -13.75 13.09
CA ARG A 248 14.52 -13.73 13.07
C ARG A 248 14.31 -12.92 14.36
N GLY A 249 13.06 -12.51 14.60
CA GLY A 249 12.71 -11.73 15.80
C GLY A 249 12.96 -12.54 17.06
N ALA A 250 12.59 -13.84 17.02
CA ALA A 250 12.81 -14.75 18.14
C ALA A 250 14.33 -14.96 18.40
N GLU A 251 15.12 -15.16 17.32
CA GLU A 251 16.58 -15.31 17.48
C GLU A 251 17.20 -14.04 18.07
N TRP A 252 16.82 -12.87 17.51
CA TRP A 252 17.31 -11.59 17.99
C TRP A 252 16.90 -11.37 19.47
N ALA A 253 15.63 -11.64 19.83
CA ALA A 253 15.17 -11.39 21.20
C ALA A 253 15.96 -12.26 22.21
N ALA A 254 16.29 -13.50 21.81
CA ALA A 254 17.02 -14.44 22.66
C ALA A 254 18.52 -14.11 22.78
N THR A 255 19.17 -13.69 21.67
CA THR A 255 20.63 -13.58 21.62
C THR A 255 21.23 -12.21 21.22
N GLY A 256 20.41 -11.29 20.72
CA GLY A 256 20.86 -9.99 20.22
C GLY A 256 21.38 -10.06 18.79
N LYS A 257 21.41 -11.27 18.19
CA LYS A 257 21.91 -11.39 16.82
CA LYS A 257 21.95 -11.49 16.84
C LYS A 257 20.99 -12.27 15.96
N VAL A 258 21.18 -12.19 14.65
CA VAL A 258 20.43 -12.96 13.64
C VAL A 258 21.50 -13.63 12.76
N THR A 259 21.52 -14.96 12.71
CA THR A 259 22.50 -15.73 11.94
C THR A 259 21.80 -16.48 10.79
N GLN A 260 20.56 -16.09 10.49
CA GLN A 260 19.75 -16.75 9.44
C GLN A 260 19.85 -15.99 8.15
N LYS A 261 20.23 -16.68 7.06
CA LYS A 261 20.35 -16.00 5.76
C LYS A 261 18.96 -15.60 5.22
N VAL A 262 18.92 -14.63 4.29
CA VAL A 262 17.69 -14.23 3.60
C VAL A 262 17.25 -15.45 2.79
N PRO A 263 16.03 -15.98 3.00
CA PRO A 263 15.61 -17.17 2.26
C PRO A 263 15.22 -16.84 0.82
N LYS A 264 15.35 -17.81 -0.06
CA LYS A 264 15.00 -17.69 -1.48
C LYS A 264 13.48 -17.55 -1.70
N ASP A 265 12.67 -17.98 -0.73
CA ASP A 265 11.20 -17.93 -0.85
C ASP A 265 10.58 -16.70 -0.16
N PHE A 266 11.38 -15.66 0.21
CA PHE A 266 10.77 -14.50 0.85
C PHE A 266 9.74 -13.81 -0.11
N PRO A 267 8.56 -13.37 0.38
CA PRO A 267 7.59 -12.76 -0.55
C PRO A 267 8.11 -11.49 -1.24
N THR A 268 7.50 -11.14 -2.38
CA THR A 268 7.83 -9.90 -3.07
C THR A 268 6.75 -8.88 -2.74
N GLU A 269 6.89 -7.67 -3.29
CA GLU A 269 5.90 -6.59 -3.14
C GLU A 269 4.54 -7.00 -3.72
N THR A 270 4.55 -7.83 -4.78
CA THR A 270 3.33 -8.20 -5.50
C THR A 270 2.84 -9.61 -5.23
N THR A 271 3.75 -10.49 -4.78
CA THR A 271 3.41 -11.90 -4.73
C THR A 271 3.63 -12.50 -3.35
N CYS A 272 2.56 -13.05 -2.76
CA CYS A 272 2.65 -13.73 -1.47
C CYS A 272 3.43 -15.03 -1.64
N SER A 273 4.05 -15.45 -0.57
CA SER A 273 4.80 -16.70 -0.48
C SER A 273 4.35 -17.40 0.78
N TYR A 274 4.29 -18.75 0.75
CA TYR A 274 3.83 -19.51 1.91
C TYR A 274 4.73 -20.66 2.24
N ARG A 275 4.68 -21.08 3.51
CA ARG A 275 5.29 -22.32 4.03
C ARG A 275 4.12 -22.98 4.71
N LYS A 276 3.25 -23.65 3.92
CA LYS A 276 2.01 -24.23 4.43
C LYS A 276 2.25 -25.25 5.56
N ASP A 277 3.40 -25.97 5.53
CA ASP A 277 3.76 -26.98 6.53
C ASP A 277 4.74 -26.41 7.60
N TYR A 278 4.91 -25.07 7.66
CA TYR A 278 5.69 -24.36 8.67
C TYR A 278 7.19 -24.71 8.67
N LYS A 279 7.71 -24.96 7.50
CA LYS A 279 9.13 -25.29 7.34
C LYS A 279 9.63 -24.77 6.01
N GLU A 280 10.86 -24.27 6.01
CA GLU A 280 11.55 -23.88 4.77
C GLU A 280 12.05 -25.20 4.13
N ASN A 281 11.49 -25.57 2.98
CA ASN A 281 11.88 -26.83 2.33
C ASN A 281 12.77 -26.55 1.09
N LYS B 3 7.76 31.13 -24.66
CA LYS B 3 6.37 31.18 -25.09
C LYS B 3 5.59 30.00 -24.49
N PRO B 4 4.32 30.20 -24.06
CA PRO B 4 3.55 29.06 -23.51
C PRO B 4 3.32 27.98 -24.56
N ILE B 5 3.15 26.74 -24.12
CA ILE B 5 2.93 25.59 -25.00
C ILE B 5 1.50 25.63 -25.53
N LYS B 6 1.35 25.72 -26.86
CA LYS B 6 0.04 25.76 -27.54
C LYS B 6 -0.63 24.39 -27.42
N THR B 7 -1.78 24.36 -26.73
CA THR B 7 -2.48 23.12 -26.36
C THR B 7 -3.91 23.09 -26.86
N LEU B 8 -4.30 21.95 -27.40
CA LEU B 8 -5.65 21.71 -27.86
C LEU B 8 -6.30 20.70 -26.93
N LEU B 9 -7.42 21.08 -26.33
CA LEU B 9 -8.11 20.16 -25.43
C LEU B 9 -9.43 19.75 -26.09
N ILE B 10 -9.58 18.47 -26.40
CA ILE B 10 -10.74 17.93 -27.09
C ILE B 10 -11.74 17.38 -26.07
N THR B 11 -12.97 17.90 -26.10
CA THR B 11 -14.00 17.44 -25.17
C THR B 11 -15.39 17.58 -25.80
N GLY B 12 -16.43 17.46 -24.99
CA GLY B 12 -17.81 17.66 -25.46
C GLY B 12 -18.72 16.47 -25.31
N GLN B 13 -18.13 15.27 -25.23
CA GLN B 13 -18.82 14.02 -24.96
C GLN B 13 -17.99 13.23 -23.97
N ASN B 14 -18.65 12.66 -22.97
CA ASN B 14 -18.01 11.84 -21.95
C ASN B 14 -19.04 11.25 -21.05
N ASN B 15 -18.82 10.01 -20.56
CA ASN B 15 -19.72 9.44 -19.55
C ASN B 15 -19.44 10.15 -18.20
N HIS B 16 -18.26 10.78 -18.08
CA HIS B 16 -17.86 11.56 -16.90
C HIS B 16 -18.35 13.01 -17.01
N ASN B 17 -18.18 13.78 -15.93
CA ASN B 17 -18.60 15.16 -15.84
C ASN B 17 -17.58 16.06 -16.56
N TRP B 18 -17.58 16.01 -17.91
CA TRP B 18 -16.61 16.75 -18.71
C TRP B 18 -16.82 18.27 -18.60
N GLN B 19 -18.05 18.71 -18.23
CA GLN B 19 -18.32 20.13 -18.05
C GLN B 19 -17.43 20.69 -16.93
N VAL B 20 -17.15 19.86 -15.91
CA VAL B 20 -16.26 20.22 -14.81
C VAL B 20 -14.79 19.95 -15.22
N SER B 21 -14.48 18.74 -15.70
CA SER B 21 -13.08 18.41 -15.97
C SER B 21 -12.41 19.31 -17.02
N HIS B 22 -13.10 19.63 -18.13
CA HIS B 22 -12.42 20.42 -19.17
C HIS B 22 -12.02 21.82 -18.64
N VAL B 23 -12.88 22.44 -17.80
CA VAL B 23 -12.64 23.73 -17.19
C VAL B 23 -11.43 23.64 -16.25
N VAL B 24 -11.39 22.60 -15.41
CA VAL B 24 -10.36 22.39 -14.41
C VAL B 24 -9.01 22.08 -15.09
N LEU B 25 -9.01 21.23 -16.14
CA LEU B 25 -7.78 20.89 -16.87
C LEU B 25 -7.15 22.15 -17.43
N LYS B 26 -7.97 23.04 -18.07
CA LYS B 26 -7.47 24.29 -18.62
C LYS B 26 -6.89 25.15 -17.49
N GLN B 27 -7.59 25.27 -16.35
CA GLN B 27 -7.11 26.08 -15.24
C GLN B 27 -5.80 25.55 -14.67
N ILE B 28 -5.67 24.22 -14.47
CA ILE B 28 -4.41 23.67 -13.95
C ILE B 28 -3.25 24.06 -14.88
N LEU B 29 -3.42 23.81 -16.19
CA LEU B 29 -2.37 24.07 -17.16
C LEU B 29 -2.06 25.57 -17.28
N GLU B 30 -3.08 26.40 -17.47
CA GLU B 30 -2.87 27.83 -17.69
C GLU B 30 -2.39 28.57 -16.44
N ASN B 31 -2.85 28.16 -15.23
CA ASN B 31 -2.43 28.80 -13.96
C ASN B 31 -0.92 28.65 -13.70
N SER B 32 -0.26 27.66 -14.33
CA SER B 32 1.20 27.47 -14.22
C SER B 32 1.98 28.50 -15.07
N GLY B 33 1.28 29.14 -16.02
CA GLY B 33 1.83 30.11 -16.98
C GLY B 33 2.61 29.45 -18.10
N ARG B 34 2.61 28.09 -18.17
CA ARG B 34 3.41 27.34 -19.14
C ARG B 34 2.62 26.85 -20.37
N PHE B 35 1.29 26.96 -20.34
CA PHE B 35 0.43 26.49 -21.42
C PHE B 35 -0.62 27.50 -21.83
N ASP B 36 -0.98 27.49 -23.13
CA ASP B 36 -2.06 28.30 -23.71
C ASP B 36 -3.06 27.29 -24.28
N VAL B 37 -4.22 27.15 -23.63
CA VAL B 37 -5.14 26.07 -23.95
C VAL B 37 -6.36 26.55 -24.74
N ASP B 38 -6.62 25.85 -25.86
CA ASP B 38 -7.80 26.06 -26.69
C ASP B 38 -8.73 24.89 -26.53
N PHE B 39 -9.99 25.15 -26.20
CA PHE B 39 -10.99 24.09 -26.19
C PHE B 39 -11.55 23.86 -27.56
N VAL B 40 -11.91 22.62 -27.86
CA VAL B 40 -12.75 22.26 -29.00
C VAL B 40 -13.81 21.37 -28.40
N ILE B 41 -15.05 21.86 -28.43
CA ILE B 41 -16.18 21.16 -27.82
C ILE B 41 -17.03 20.56 -28.94
N SER B 42 -17.12 19.23 -28.95
CA SER B 42 -17.89 18.52 -29.96
C SER B 42 -19.37 18.76 -29.82
N PRO B 43 -20.14 18.45 -30.89
CA PRO B 43 -21.60 18.37 -30.71
C PRO B 43 -21.91 17.29 -29.65
N GLU B 44 -23.11 17.34 -29.08
CA GLU B 44 -23.58 16.40 -28.06
C GLU B 44 -23.83 15.01 -28.68
N GLN B 45 -23.94 13.97 -27.82
CA GLN B 45 -24.20 12.60 -28.26
C GLN B 45 -25.43 12.49 -29.20
N GLY B 46 -25.23 11.83 -30.33
CA GLY B 46 -26.31 11.61 -31.28
C GLY B 46 -26.47 12.70 -32.31
N LYS B 47 -25.78 13.85 -32.13
CA LYS B 47 -25.86 14.96 -33.08
C LYS B 47 -24.89 14.76 -34.23
N ASP B 48 -25.07 15.53 -35.30
CA ASP B 48 -24.23 15.46 -36.49
C ASP B 48 -22.80 15.83 -36.12
N SER B 50 -20.24 15.47 -38.47
CA SER B 50 -19.51 15.72 -39.72
C SER B 50 -18.73 17.06 -39.77
N GLY B 51 -19.19 18.08 -39.05
CA GLY B 51 -18.50 19.37 -39.03
C GLY B 51 -17.42 19.50 -37.96
N PHE B 52 -17.21 18.45 -37.11
CA PHE B 52 -16.20 18.51 -36.03
C PHE B 52 -14.82 18.12 -36.61
N VAL B 53 -14.37 18.93 -37.57
CA VAL B 53 -13.13 18.73 -38.35
C VAL B 53 -12.06 19.58 -37.72
N LEU B 54 -11.08 18.94 -37.09
CA LEU B 54 -10.05 19.67 -36.33
C LEU B 54 -8.79 19.88 -37.11
N ASP B 55 -8.07 20.94 -36.78
CA ASP B 55 -6.77 21.28 -37.35
C ASP B 55 -5.75 21.22 -36.21
N PHE B 56 -4.83 20.25 -36.30
CA PHE B 56 -3.82 19.99 -35.27
C PHE B 56 -2.52 20.78 -35.48
N SER B 57 -2.31 21.32 -36.70
CA SER B 57 -1.07 22.03 -37.07
CA SER B 57 -1.07 22.01 -37.06
C SER B 57 -0.65 23.17 -36.09
N PRO B 58 -1.55 23.97 -35.45
CA PRO B 58 -1.02 25.03 -34.55
C PRO B 58 -0.51 24.53 -33.19
N TYR B 59 -0.73 23.24 -32.87
CA TYR B 59 -0.48 22.75 -31.51
C TYR B 59 0.74 21.88 -31.29
N GLN B 60 1.31 21.98 -30.07
CA GLN B 60 2.46 21.18 -29.60
C GLN B 60 1.94 20.09 -28.68
N LEU B 61 0.71 20.26 -28.17
CA LEU B 61 0.12 19.31 -27.24
C LEU B 61 -1.38 19.16 -27.48
N VAL B 62 -1.85 17.92 -27.37
CA VAL B 62 -3.27 17.59 -27.46
C VAL B 62 -3.66 16.90 -26.16
N VAL B 63 -4.71 17.38 -25.48
CA VAL B 63 -5.18 16.77 -24.24
C VAL B 63 -6.56 16.19 -24.54
N LEU B 64 -6.74 14.89 -24.27
CA LEU B 64 -8.02 14.24 -24.54
C LEU B 64 -8.86 14.10 -23.29
N ASP B 65 -10.07 14.67 -23.32
CA ASP B 65 -11.07 14.58 -22.24
C ASP B 65 -12.39 14.24 -22.92
N TYR B 66 -12.38 13.11 -23.61
CA TYR B 66 -13.48 12.73 -24.49
C TYR B 66 -13.66 11.24 -24.56
N ASN B 67 -14.93 10.82 -24.58
CA ASN B 67 -15.35 9.47 -24.99
C ASN B 67 -16.80 9.57 -25.50
N GLY B 68 -17.18 8.67 -26.40
CA GLY B 68 -18.52 8.67 -26.98
C GLY B 68 -18.49 8.55 -28.49
N ASP B 69 -19.29 9.38 -29.20
CA ASP B 69 -19.39 9.30 -30.67
C ASP B 69 -18.04 9.47 -31.34
N SER B 70 -17.80 8.67 -32.37
CA SER B 70 -16.59 8.79 -33.17
C SER B 70 -16.50 10.19 -33.77
N TRP B 71 -15.27 10.74 -33.80
CA TRP B 71 -14.99 11.98 -34.51
C TRP B 71 -15.15 11.66 -36.01
N PRO B 72 -15.35 12.66 -36.89
CA PRO B 72 -15.46 12.36 -38.33
C PRO B 72 -14.12 11.85 -38.86
N GLU B 73 -14.17 11.10 -39.98
CA GLU B 73 -13.00 10.45 -40.57
C GLU B 73 -11.82 11.42 -40.77
N GLU B 74 -12.08 12.67 -41.23
CA GLU B 74 -10.99 13.62 -41.46
C GLU B 74 -10.28 13.97 -40.15
N THR B 75 -11.03 14.12 -39.06
CA THR B 75 -10.39 14.40 -37.75
C THR B 75 -9.56 13.19 -37.31
N ASN B 76 -10.08 11.99 -37.52
CA ASN B 76 -9.37 10.76 -37.13
C ASN B 76 -8.04 10.66 -37.91
N ARG B 77 -8.07 10.90 -39.22
CA ARG B 77 -6.88 10.89 -40.06
C ARG B 77 -5.88 11.95 -39.61
N ARG B 78 -6.37 13.18 -39.34
CA ARG B 78 -5.47 14.26 -38.94
C ARG B 78 -4.87 13.99 -37.55
N PHE B 79 -5.64 13.40 -36.66
CA PHE B 79 -5.12 13.09 -35.32
C PHE B 79 -3.96 12.07 -35.43
N LEU B 80 -4.15 11.02 -36.25
CA LEU B 80 -3.11 10.01 -36.48
C LEU B 80 -1.86 10.62 -37.09
N GLU B 81 -2.02 11.53 -38.07
CA GLU B 81 -0.91 12.25 -38.71
C GLU B 81 -0.16 13.10 -37.65
N TYR B 82 -0.89 13.81 -36.81
CA TYR B 82 -0.30 14.61 -35.73
C TYR B 82 0.53 13.72 -34.79
N VAL B 83 -0.03 12.57 -34.37
CA VAL B 83 0.68 11.66 -33.44
C VAL B 83 1.93 11.06 -34.09
N GLN B 84 1.79 10.54 -35.32
CA GLN B 84 2.86 9.89 -36.07
C GLN B 84 4.00 10.88 -36.41
N ASN B 85 3.70 12.19 -36.49
CA ASN B 85 4.70 13.25 -36.73
CA ASN B 85 4.72 13.22 -36.75
C ASN B 85 5.37 13.72 -35.43
N GLY B 86 5.39 12.87 -34.41
CA GLY B 86 6.02 13.21 -33.13
C GLY B 86 5.21 14.12 -32.21
N GLY B 87 3.90 14.12 -32.37
CA GLY B 87 3.01 14.96 -31.58
C GLY B 87 2.88 14.51 -30.14
N GLY B 88 2.68 15.48 -29.26
CA GLY B 88 2.50 15.22 -27.84
C GLY B 88 1.04 15.03 -27.49
N VAL B 89 0.74 13.99 -26.73
CA VAL B 89 -0.64 13.68 -26.32
C VAL B 89 -0.70 13.39 -24.82
N VAL B 90 -1.75 13.92 -24.16
CA VAL B 90 -2.10 13.58 -22.80
C VAL B 90 -3.43 12.83 -22.86
N ILE B 91 -3.48 11.58 -22.36
CA ILE B 91 -4.69 10.78 -22.26
C ILE B 91 -5.13 10.89 -20.82
N TYR B 92 -6.33 11.42 -20.57
CA TYR B 92 -6.81 11.67 -19.23
C TYR B 92 -8.02 10.83 -18.85
N HIS B 93 -7.83 10.01 -17.80
CA HIS B 93 -8.82 9.16 -17.14
C HIS B 93 -9.67 8.38 -18.20
N ALA B 94 -11.01 8.57 -18.27
CA ALA B 94 -11.86 7.76 -19.16
C ALA B 94 -11.74 8.09 -20.66
N ALA B 95 -10.82 9.00 -21.04
CA ALA B 95 -10.51 9.18 -22.48
C ALA B 95 -9.96 7.85 -23.04
N ASP B 96 -9.37 7.01 -22.16
CA ASP B 96 -8.82 5.71 -22.60
C ASP B 96 -9.94 4.67 -22.81
N ASN B 97 -11.20 5.02 -22.47
CA ASN B 97 -12.35 4.14 -22.76
C ASN B 97 -12.81 4.30 -24.21
N ALA B 98 -12.49 5.45 -24.84
CA ALA B 98 -13.01 5.80 -26.15
C ALA B 98 -12.61 4.87 -27.27
N PHE B 99 -13.47 4.86 -28.31
CA PHE B 99 -13.21 4.30 -29.63
C PHE B 99 -12.63 2.89 -29.57
N SER B 100 -13.33 2.00 -28.87
CA SER B 100 -12.91 0.62 -28.71
C SER B 100 -12.70 -0.11 -30.05
N LYS B 101 -13.39 0.31 -31.13
CA LYS B 101 -13.26 -0.36 -32.44
C LYS B 101 -12.24 0.32 -33.37
N TRP B 102 -11.44 1.26 -32.86
CA TRP B 102 -10.40 1.97 -33.62
C TRP B 102 -9.03 1.43 -33.20
N PRO B 103 -8.44 0.47 -33.95
CA PRO B 103 -7.16 -0.14 -33.52
C PRO B 103 -6.04 0.87 -33.23
N GLU B 104 -5.82 1.88 -34.11
CA GLU B 104 -4.75 2.88 -33.88
C GLU B 104 -4.96 3.65 -32.58
N PHE B 105 -6.23 3.98 -32.23
CA PHE B 105 -6.50 4.70 -31.00
C PHE B 105 -6.11 3.84 -29.79
N ASN B 106 -6.44 2.54 -29.84
CA ASN B 106 -6.11 1.64 -28.73
C ASN B 106 -4.58 1.45 -28.60
N ARG B 107 -3.83 1.59 -29.72
CA ARG B 107 -2.37 1.55 -29.71
CA ARG B 107 -2.36 1.53 -29.70
C ARG B 107 -1.81 2.83 -29.10
N ILE B 108 -2.47 3.98 -29.38
CA ILE B 108 -2.05 5.26 -28.81
C ILE B 108 -2.24 5.25 -27.27
N CYS B 109 -3.29 4.57 -26.76
CA CYS B 109 -3.54 4.51 -25.32
C CYS B 109 -2.76 3.39 -24.61
N ALA B 110 -2.48 2.29 -25.34
CA ALA B 110 -1.82 1.03 -24.89
C ALA B 110 -2.78 0.20 -24.04
N LEU B 111 -3.49 0.85 -23.11
CA LEU B 111 -4.48 0.19 -22.27
C LEU B 111 -5.76 1.02 -22.22
N GLY B 112 -6.87 0.32 -22.19
CA GLY B 112 -8.18 0.92 -22.09
C GLY B 112 -9.13 0.09 -21.28
N GLY B 113 -10.35 0.54 -21.18
CA GLY B 113 -11.33 -0.22 -20.42
C GLY B 113 -12.73 0.13 -20.81
N TRP B 114 -13.67 -0.72 -20.44
CA TRP B 114 -15.09 -0.54 -20.68
C TRP B 114 -15.37 -0.53 -22.23
N GLU B 115 -16.57 -0.09 -22.65
CA GLU B 115 -17.00 -0.18 -24.06
C GLU B 115 -16.87 -1.63 -24.58
N GLY B 116 -17.19 -2.59 -23.71
CA GLY B 116 -17.18 -4.01 -24.08
C GLY B 116 -15.80 -4.64 -24.27
N ARG B 117 -14.71 -3.98 -23.78
CA ARG B 117 -13.39 -4.56 -23.90
C ARG B 117 -13.28 -5.85 -23.06
N ASN B 118 -12.52 -6.82 -23.57
CA ASN B 118 -12.27 -8.09 -22.89
C ASN B 118 -10.98 -8.67 -23.44
N GLU B 119 -10.76 -10.02 -23.34
CA GLU B 119 -9.48 -10.59 -23.80
C GLU B 119 -9.27 -10.36 -25.30
N ASN B 120 -10.33 -10.14 -26.08
CA ASN B 120 -10.17 -9.87 -27.53
C ASN B 120 -9.50 -8.50 -27.78
N SER B 121 -9.51 -7.59 -26.78
CA SER B 121 -8.94 -6.24 -26.91
CA SER B 121 -8.94 -6.25 -26.94
C SER B 121 -7.42 -6.25 -26.69
N GLY B 122 -6.91 -7.36 -26.16
CA GLY B 122 -5.49 -7.49 -25.86
C GLY B 122 -5.27 -7.92 -24.42
N PRO B 123 -4.01 -8.05 -24.01
CA PRO B 123 -3.75 -8.55 -22.64
C PRO B 123 -3.97 -7.57 -21.53
N TYR B 124 -4.00 -8.10 -20.29
CA TYR B 124 -3.80 -7.32 -19.08
C TYR B 124 -2.32 -7.01 -19.01
N VAL B 125 -1.95 -5.84 -18.46
CA VAL B 125 -0.55 -5.47 -18.25
C VAL B 125 -0.46 -4.97 -16.83
N TYR B 126 0.35 -5.63 -15.99
CA TYR B 126 0.49 -5.19 -14.59
C TYR B 126 1.88 -5.49 -14.07
N TRP B 127 2.19 -4.94 -12.90
CA TRP B 127 3.50 -5.08 -12.29
C TRP B 127 3.55 -6.36 -11.46
N LYS B 128 4.52 -7.22 -11.75
CA LYS B 128 4.67 -8.48 -11.02
C LYS B 128 6.14 -8.78 -10.81
N ASP B 129 6.56 -8.91 -9.52
CA ASP B 129 7.91 -9.28 -9.12
C ASP B 129 9.01 -8.46 -9.82
N GLY B 130 8.87 -7.15 -9.80
CA GLY B 130 9.89 -6.25 -10.33
C GLY B 130 9.83 -5.86 -11.79
N LYS B 131 8.73 -6.17 -12.51
CA LYS B 131 8.59 -5.76 -13.92
C LYS B 131 7.15 -5.86 -14.38
N LEU B 132 6.87 -5.23 -15.53
CA LEU B 132 5.56 -5.37 -16.17
C LEU B 132 5.49 -6.73 -16.84
N VAL B 133 4.32 -7.37 -16.73
CA VAL B 133 4.04 -8.66 -17.33
C VAL B 133 2.75 -8.54 -18.13
N LYS B 134 2.59 -9.37 -19.18
CA LYS B 134 1.38 -9.43 -19.99
C LYS B 134 0.61 -10.66 -19.56
N ASP B 135 -0.71 -10.56 -19.46
CA ASP B 135 -1.53 -11.69 -19.05
C ASP B 135 -2.74 -11.77 -19.99
N SER B 136 -2.85 -12.86 -20.78
CA SER B 136 -3.90 -13.02 -21.81
C SER B 136 -5.09 -13.82 -21.33
N SER B 137 -5.17 -14.08 -20.01
CA SER B 137 -6.29 -14.84 -19.43
CA SER B 137 -6.28 -14.86 -19.48
C SER B 137 -7.60 -14.14 -19.72
N ALA B 138 -8.68 -14.94 -19.92
CA ALA B 138 -10.00 -14.40 -20.20
C ALA B 138 -10.49 -13.54 -19.04
N GLY B 139 -11.18 -12.47 -19.38
CA GLY B 139 -11.75 -11.59 -18.37
C GLY B 139 -12.15 -10.25 -18.93
N PRO B 140 -13.04 -9.50 -18.26
CA PRO B 140 -13.40 -8.16 -18.77
C PRO B 140 -12.25 -7.19 -18.67
N GLY B 141 -12.29 -6.20 -19.56
CA GLY B 141 -11.29 -5.15 -19.60
C GLY B 141 -11.87 -3.87 -19.06
N GLY B 142 -11.33 -3.45 -17.92
CA GLY B 142 -11.74 -2.23 -17.24
C GLY B 142 -12.62 -2.49 -16.05
N SER B 143 -12.08 -2.16 -14.87
CA SER B 143 -12.83 -2.22 -13.61
C SER B 143 -12.23 -1.19 -12.65
N HIS B 144 -12.92 -0.92 -11.56
CA HIS B 144 -12.41 -0.09 -10.47
C HIS B 144 -13.21 -0.44 -9.24
N GLY B 145 -12.65 -0.20 -8.06
CA GLY B 145 -13.37 -0.45 -6.81
C GLY B 145 -14.02 0.82 -6.33
N ARG B 146 -14.20 0.92 -5.01
CA ARG B 146 -14.74 2.16 -4.46
C ARG B 146 -13.66 3.22 -4.51
N GLN B 147 -14.03 4.49 -4.43
CA GLN B 147 -13.05 5.56 -4.40
CA GLN B 147 -13.05 5.56 -4.41
C GLN B 147 -12.31 5.52 -3.06
N HIS B 148 -11.00 5.70 -3.09
CA HIS B 148 -10.20 5.65 -1.86
C HIS B 148 -8.87 6.35 -2.09
N GLU B 149 -8.19 6.69 -0.99
CA GLU B 149 -6.85 7.23 -1.11
C GLU B 149 -5.92 6.06 -1.35
N TYR B 150 -4.89 6.22 -2.16
CA TYR B 150 -3.96 5.10 -2.33
C TYR B 150 -2.56 5.64 -2.58
N VAL B 151 -1.56 4.80 -2.35
CA VAL B 151 -0.15 5.20 -2.49
C VAL B 151 0.35 4.81 -3.87
N LEU B 152 0.87 5.79 -4.62
CA LEU B 152 1.47 5.56 -5.93
C LEU B 152 2.94 5.19 -5.73
N ASN B 153 3.42 4.17 -6.47
CA ASN B 153 4.81 3.70 -6.41
C ASN B 153 5.55 4.05 -7.69
N GLY B 154 6.64 4.79 -7.57
CA GLY B 154 7.45 5.16 -8.73
C GLY B 154 8.20 3.96 -9.26
N ARG B 155 8.20 3.75 -10.59
CA ARG B 155 8.85 2.56 -11.18
C ARG B 155 10.03 2.99 -12.08
N ASP B 156 9.81 3.75 -13.16
CA ASP B 156 10.93 4.29 -13.95
C ASP B 156 11.31 5.57 -13.21
N LYS B 157 12.24 5.43 -12.26
CA LYS B 157 12.67 6.48 -11.33
CA LYS B 157 12.67 6.48 -11.33
C LYS B 157 13.45 7.62 -11.98
N VAL B 158 13.92 7.46 -13.25
CA VAL B 158 14.72 8.53 -13.86
C VAL B 158 14.05 9.18 -15.10
N HIS B 159 12.79 8.85 -15.43
CA HIS B 159 12.07 9.55 -16.47
C HIS B 159 11.93 11.06 -16.10
N PRO B 160 12.07 11.99 -17.08
CA PRO B 160 11.91 13.43 -16.76
C PRO B 160 10.65 13.78 -15.95
N VAL B 161 9.52 13.10 -16.18
CA VAL B 161 8.27 13.37 -15.45
C VAL B 161 8.40 13.05 -13.96
N VAL B 162 9.16 12.00 -13.58
CA VAL B 162 9.22 11.58 -12.18
C VAL B 162 10.51 11.98 -11.44
N LYS B 163 11.59 12.30 -12.18
CA LYS B 163 12.90 12.64 -11.60
C LYS B 163 12.77 13.77 -10.54
N GLY B 164 13.17 13.45 -9.31
CA GLY B 164 13.13 14.39 -8.20
C GLY B 164 11.91 14.25 -7.31
N LEU B 165 10.85 13.58 -7.78
CA LEU B 165 9.64 13.38 -6.98
C LEU B 165 9.84 12.23 -5.96
N PRO B 166 9.11 12.17 -4.82
CA PRO B 166 9.31 11.03 -3.90
C PRO B 166 8.92 9.72 -4.60
N LEU B 167 9.57 8.62 -4.21
CA LEU B 167 9.32 7.29 -4.82
C LEU B 167 7.90 6.80 -4.51
N LYS B 168 7.31 7.25 -3.40
CA LYS B 168 5.97 6.90 -2.93
C LYS B 168 5.23 8.13 -2.51
N TRP B 169 3.96 8.28 -2.91
CA TRP B 169 3.18 9.44 -2.48
C TRP B 169 1.70 9.07 -2.45
N ARG B 170 0.95 9.66 -1.51
CA ARG B 170 -0.46 9.37 -1.36
C ARG B 170 -1.31 10.31 -2.22
N HIS B 171 -2.12 9.68 -3.08
CA HIS B 171 -3.06 10.37 -3.97
C HIS B 171 -4.38 10.56 -3.23
N ALA B 172 -5.04 11.70 -3.43
CA ALA B 172 -6.35 11.96 -2.82
C ALA B 172 -7.41 10.96 -3.32
N LYS B 173 -8.53 10.86 -2.57
CA LYS B 173 -9.62 9.94 -2.85
C LYS B 173 -10.00 9.95 -4.33
N ASP B 174 -9.93 8.76 -4.94
CA ASP B 174 -10.17 8.61 -6.37
C ASP B 174 -10.45 7.17 -6.71
N GLU B 175 -10.88 6.93 -7.96
CA GLU B 175 -10.98 5.60 -8.47
C GLU B 175 -9.58 5.11 -8.76
N LEU B 176 -9.38 3.80 -8.63
CA LEU B 176 -8.12 3.13 -8.97
C LEU B 176 -8.46 2.20 -10.12
N TYR B 177 -8.21 2.65 -11.36
CA TYR B 177 -8.48 1.82 -12.54
C TYR B 177 -7.71 0.50 -12.47
N ASP B 178 -8.37 -0.61 -12.76
CA ASP B 178 -7.72 -1.92 -12.67
C ASP B 178 -8.23 -2.81 -13.80
N ARG B 179 -7.50 -3.94 -14.04
CA ARG B 179 -7.85 -4.93 -15.08
C ARG B 179 -8.06 -4.25 -16.44
N ARG B 181 -7.16 -3.35 -20.36
CA ARG B 181 -6.66 -4.22 -21.42
C ARG B 181 -6.44 -3.44 -22.70
N GLY B 182 -5.52 -3.91 -23.50
CA GLY B 182 -5.22 -3.28 -24.78
C GLY B 182 -3.96 -3.87 -25.36
N PRO B 183 -3.45 -3.30 -26.46
CA PRO B 183 -2.23 -3.88 -27.07
C PRO B 183 -1.04 -3.93 -26.08
N GLY B 184 -1.08 -3.09 -25.05
CA GLY B 184 -0.13 -3.10 -23.93
C GLY B 184 1.27 -2.61 -24.24
N ASN B 185 1.40 -1.77 -25.30
CA ASN B 185 2.66 -1.19 -25.76
C ASN B 185 3.10 0.01 -24.89
N ILE B 186 3.31 -0.26 -23.60
CA ILE B 186 3.79 0.76 -22.68
C ILE B 186 5.29 0.99 -22.96
N ARG B 187 5.69 2.26 -23.02
CA ARG B 187 7.09 2.61 -23.18
C ARG B 187 7.71 2.60 -21.77
N ASP B 188 7.36 3.59 -20.92
CA ASP B 188 7.87 3.70 -19.56
C ASP B 188 6.76 3.69 -18.55
N ILE B 189 6.88 2.83 -17.54
CA ILE B 189 5.88 2.78 -16.48
C ILE B 189 6.37 3.75 -15.41
N LEU B 190 5.57 4.79 -15.11
CA LEU B 190 5.99 5.80 -14.15
C LEU B 190 5.45 5.51 -12.77
N TYR B 191 4.14 5.28 -12.64
CA TYR B 191 3.54 4.96 -11.35
C TYR B 191 2.57 3.82 -11.45
N THR B 192 2.61 2.97 -10.43
CA THR B 192 1.64 1.90 -10.24
C THR B 192 1.04 2.08 -8.84
N ALA B 193 -0.03 1.34 -8.55
CA ALA B 193 -0.57 1.31 -7.20
C ALA B 193 -1.17 -0.07 -6.94
N TYR B 194 -1.13 -0.48 -5.68
CA TYR B 194 -1.70 -1.75 -5.27
C TYR B 194 -3.20 -1.59 -5.25
N SER B 195 -3.91 -2.43 -6.01
CA SER B 195 -5.36 -2.43 -6.04
C SER B 195 -5.87 -3.53 -5.11
N ASP B 196 -6.19 -3.18 -3.84
CA ASP B 196 -6.60 -4.16 -2.84
C ASP B 196 -7.97 -4.74 -3.17
N LYS B 197 -8.08 -6.09 -3.14
CA LYS B 197 -9.36 -6.77 -3.38
C LYS B 197 -10.43 -6.31 -2.40
N GLU B 198 -10.04 -5.92 -1.17
CA GLU B 198 -11.00 -5.48 -0.16
C GLU B 198 -11.48 -4.02 -0.34
N THR B 199 -11.03 -3.33 -1.42
CA THR B 199 -11.56 -2.02 -1.85
C THR B 199 -12.40 -2.28 -3.12
N ASN B 200 -12.62 -3.57 -3.45
CA ASN B 200 -13.29 -4.05 -4.67
C ASN B 200 -12.33 -3.89 -5.87
N GLY B 201 -11.04 -4.02 -5.57
CA GLY B 201 -9.98 -3.95 -6.56
C GLY B 201 -9.63 -5.32 -7.12
N SER B 202 -8.54 -5.38 -7.90
CA SER B 202 -8.14 -6.60 -8.61
C SER B 202 -7.20 -7.51 -7.85
N GLY B 203 -6.49 -6.95 -6.84
CA GLY B 203 -5.45 -7.66 -6.10
C GLY B 203 -4.08 -7.41 -6.74
N ARG B 204 -4.04 -6.78 -7.92
CA ARG B 204 -2.77 -6.56 -8.64
C ARG B 204 -2.13 -5.19 -8.34
N GLU B 205 -0.83 -5.06 -8.68
CA GLU B 205 -0.09 -3.80 -8.69
C GLU B 205 -0.34 -3.26 -10.11
N GLU B 206 -1.27 -2.33 -10.23
CA GLU B 206 -1.79 -1.84 -11.51
C GLU B 206 -1.07 -0.61 -12.04
N PRO B 207 -0.90 -0.53 -13.38
CA PRO B 207 -0.28 0.68 -13.96
C PRO B 207 -1.29 1.83 -13.98
N LEU B 208 -0.87 3.03 -13.57
CA LEU B 208 -1.82 4.16 -13.57
C LEU B 208 -1.28 5.37 -14.29
N VAL B 209 0.06 5.53 -14.35
CA VAL B 209 0.70 6.68 -14.98
C VAL B 209 1.85 6.12 -15.82
N PHE B 210 1.80 6.30 -17.14
CA PHE B 210 2.84 5.73 -17.99
C PHE B 210 2.87 6.43 -19.34
N THR B 211 3.91 6.15 -20.13
CA THR B 211 4.08 6.66 -21.47
C THR B 211 3.88 5.52 -22.42
N VAL B 212 3.53 5.84 -23.67
CA VAL B 212 3.16 4.81 -24.64
C VAL B 212 4.16 4.75 -25.76
N ASP B 213 4.53 3.52 -26.17
CA ASP B 213 5.46 3.30 -27.28
C ASP B 213 4.68 3.29 -28.60
N TYR B 214 4.73 4.40 -29.34
CA TYR B 214 4.00 4.53 -30.60
C TYR B 214 4.78 5.43 -31.54
N GLY B 215 5.72 4.83 -32.28
CA GLY B 215 6.58 5.57 -33.20
C GLY B 215 7.39 6.60 -32.45
N ASN B 216 7.43 7.85 -32.93
CA ASN B 216 8.18 8.87 -32.23
C ASN B 216 7.25 9.81 -31.42
N ALA B 217 5.97 9.41 -31.20
CA ALA B 217 5.05 10.21 -30.40
C ALA B 217 5.44 10.20 -28.93
N ARG B 218 5.13 11.30 -28.22
CA ARG B 218 5.31 11.40 -26.78
C ARG B 218 3.92 11.41 -26.19
N ILE B 219 3.52 10.24 -25.67
CA ILE B 219 2.16 10.05 -25.17
C ILE B 219 2.21 9.82 -23.67
N PHE B 220 1.53 10.67 -22.91
CA PHE B 220 1.47 10.60 -21.46
C PHE B 220 0.08 10.17 -21.07
N HIS B 221 -0.03 9.02 -20.41
CA HIS B 221 -1.33 8.47 -20.03
C HIS B 221 -1.47 8.50 -18.51
N THR B 222 -2.47 9.25 -18.02
CA THR B 222 -2.76 9.30 -16.57
C THR B 222 -4.19 8.82 -16.36
N LEU B 224 -5.56 8.78 -13.47
CA LEU B 224 -6.04 9.48 -12.28
C LEU B 224 -7.01 10.59 -12.64
N GLY B 225 -7.78 11.02 -11.63
CA GLY B 225 -8.59 12.24 -11.73
C GLY B 225 -10.05 12.14 -12.08
N HIS B 226 -10.77 11.11 -11.56
CA HIS B 226 -12.23 11.01 -11.75
C HIS B 226 -12.87 12.38 -11.37
N ALA B 227 -13.58 13.02 -12.32
CA ALA B 227 -14.19 14.35 -12.13
C ALA B 227 -15.33 14.33 -11.12
N GLY B 228 -15.30 15.31 -10.20
CA GLY B 228 -16.35 15.50 -9.21
C GLY B 228 -17.58 16.17 -9.81
N ALA B 229 -18.62 16.40 -8.98
CA ALA B 229 -19.87 16.98 -9.44
C ALA B 229 -19.76 18.48 -9.74
N THR B 230 -18.80 19.18 -9.11
CA THR B 230 -18.59 20.63 -9.32
C THR B 230 -17.10 20.91 -9.37
N THR B 231 -16.69 22.13 -9.79
CA THR B 231 -15.27 22.49 -9.81
C THR B 231 -14.72 22.67 -8.37
N GLU B 232 -15.62 22.96 -7.39
CA GLU B 232 -15.22 23.13 -5.98
C GLU B 232 -15.12 21.80 -5.21
N ASP B 233 -16.01 20.84 -5.49
CA ASP B 233 -16.04 19.51 -4.85
C ASP B 233 -15.50 18.50 -5.85
N ASN B 234 -14.16 18.43 -5.96
CA ASN B 234 -13.50 17.69 -7.03
C ASN B 234 -12.14 17.16 -6.56
N ILE B 235 -12.16 16.46 -5.40
CA ILE B 235 -10.98 16.03 -4.66
CA ILE B 235 -10.99 15.99 -4.64
C ILE B 235 -9.92 15.28 -5.49
N ALA B 236 -10.30 14.36 -6.39
CA ALA B 236 -9.31 13.60 -7.18
C ALA B 236 -8.45 14.49 -8.07
N GLN B 238 -8.27 17.92 -7.42
CA GLN B 238 -7.70 18.94 -6.52
C GLN B 238 -6.43 18.43 -5.86
N CYS B 239 -6.17 17.11 -5.91
CA CYS B 239 -4.93 16.51 -5.42
C CYS B 239 -3.72 17.21 -6.05
N THR B 240 -2.73 17.65 -5.24
CA THR B 240 -1.50 18.28 -5.76
C THR B 240 -0.72 17.33 -6.65
N GLY B 241 -0.67 16.05 -6.25
CA GLY B 241 0.01 15.02 -7.03
C GLY B 241 -0.57 14.91 -8.42
N PHE B 242 -1.93 14.87 -8.53
CA PHE B 242 -2.60 14.81 -9.83
C PHE B 242 -2.16 16.00 -10.69
N GLN B 243 -2.20 17.22 -10.11
CA GLN B 243 -1.89 18.44 -10.83
C GLN B 243 -0.43 18.49 -11.27
N VAL B 244 0.51 18.17 -10.36
CA VAL B 244 1.95 18.20 -10.65
C VAL B 244 2.27 17.16 -11.75
N LEU B 245 1.71 15.95 -11.67
CA LEU B 245 1.98 14.96 -12.71
CA LEU B 245 1.93 14.91 -12.70
C LEU B 245 1.37 15.39 -14.03
N LEU B 246 0.19 16.04 -14.01
CA LEU B 246 -0.41 16.55 -15.25
C LEU B 246 0.49 17.62 -15.88
N LEU B 247 0.96 18.58 -15.08
CA LEU B 247 1.82 19.67 -15.56
C LEU B 247 3.14 19.16 -16.12
N ARG B 248 3.75 18.17 -15.42
CA ARG B 248 5.04 17.59 -15.82
CA ARG B 248 5.04 17.62 -15.84
C ARG B 248 4.86 16.71 -17.06
N GLY B 249 3.81 15.90 -17.07
CA GLY B 249 3.49 15.00 -18.18
C GLY B 249 3.16 15.79 -19.42
N ALA B 250 2.40 16.88 -19.27
CA ALA B 250 2.04 17.76 -20.39
C ALA B 250 3.28 18.46 -20.96
N GLU B 251 4.17 18.97 -20.10
CA GLU B 251 5.40 19.60 -20.57
C GLU B 251 6.29 18.59 -21.32
N TRP B 252 6.46 17.40 -20.72
CA TRP B 252 7.25 16.34 -21.35
C TRP B 252 6.63 15.94 -22.71
N ALA B 253 5.30 15.73 -22.76
CA ALA B 253 4.65 15.29 -24.00
C ALA B 253 4.85 16.32 -25.13
N ALA B 254 4.82 17.62 -24.78
CA ALA B 254 4.98 18.71 -25.73
C ALA B 254 6.44 18.91 -26.20
N THR B 255 7.42 18.80 -25.28
CA THR B 255 8.80 19.19 -25.57
C THR B 255 9.91 18.13 -25.37
N GLY B 256 9.58 17.02 -24.71
CA GLY B 256 10.55 15.97 -24.40
C GLY B 256 11.31 16.25 -23.10
N LYS B 257 11.08 17.42 -22.48
CA LYS B 257 11.79 17.72 -21.23
C LYS B 257 10.84 18.29 -20.17
N VAL B 258 11.33 18.35 -18.93
CA VAL B 258 10.62 18.89 -17.77
C VAL B 258 11.55 19.92 -17.14
N THR B 259 11.10 21.18 -17.07
CA THR B 259 11.90 22.30 -16.52
C THR B 259 11.25 22.83 -15.23
N GLN B 260 10.32 22.08 -14.67
CA GLN B 260 9.59 22.47 -13.47
C GLN B 260 10.26 21.90 -12.24
N LYS B 261 10.56 22.77 -11.26
CA LYS B 261 11.17 22.31 -10.02
C LYS B 261 10.17 21.49 -9.18
N VAL B 262 10.68 20.63 -8.28
CA VAL B 262 9.84 19.84 -7.39
C VAL B 262 9.16 20.85 -6.45
N PRO B 263 7.81 20.89 -6.39
CA PRO B 263 7.17 21.90 -5.54
C PRO B 263 7.25 21.54 -4.06
N LYS B 264 7.19 22.58 -3.21
CA LYS B 264 7.24 22.44 -1.75
C LYS B 264 6.00 21.73 -1.19
N ASP B 265 4.87 21.75 -1.93
CA ASP B 265 3.60 21.17 -1.47
C ASP B 265 3.35 19.75 -2.05
N PHE B 266 4.38 19.07 -2.63
CA PHE B 266 4.11 17.74 -3.18
C PHE B 266 3.64 16.77 -2.04
N PRO B 267 2.62 15.91 -2.27
CA PRO B 267 2.19 15.00 -1.19
C PRO B 267 3.29 14.04 -0.70
N THR B 268 3.13 13.51 0.52
CA THR B 268 4.06 12.51 1.03
C THR B 268 3.38 11.15 0.92
N GLU B 269 4.07 10.10 1.35
CA GLU B 269 3.54 8.74 1.40
C GLU B 269 2.30 8.65 2.31
N THR B 270 2.27 9.47 3.37
CA THR B 270 1.21 9.41 4.38
C THR B 270 0.21 10.55 4.32
N THR B 271 0.59 11.68 3.69
CA THR B 271 -0.24 12.87 3.79
C THR B 271 -0.59 13.44 2.43
N CYS B 272 -1.90 13.55 2.14
CA CYS B 272 -2.39 14.15 0.90
C CYS B 272 -2.12 15.64 0.94
N SER B 273 -1.98 16.20 -0.23
CA SER B 273 -1.80 17.63 -0.42
C SER B 273 -2.75 18.07 -1.51
N TYR B 274 -3.30 19.29 -1.39
CA TYR B 274 -4.26 19.79 -2.38
C TYR B 274 -3.95 21.18 -2.85
N ARG B 275 -4.45 21.48 -4.06
CA ARG B 275 -4.47 22.82 -4.64
C ARG B 275 -5.91 22.99 -5.02
N LYS B 276 -6.75 23.34 -4.03
CA LYS B 276 -8.21 23.41 -4.23
C LYS B 276 -8.62 24.39 -5.34
N ASP B 277 -7.83 25.48 -5.54
CA ASP B 277 -8.10 26.49 -6.56
C ASP B 277 -7.24 26.30 -7.84
N TYR B 278 -6.62 25.10 -7.99
CA TYR B 278 -5.85 24.68 -9.18
C TYR B 278 -4.65 25.56 -9.50
N LYS B 279 -4.02 26.06 -8.43
CA LYS B 279 -2.83 26.87 -8.60
C LYS B 279 -1.88 26.63 -7.45
N GLU B 280 -0.58 26.62 -7.75
CA GLU B 280 0.47 26.55 -6.76
C GLU B 280 0.68 27.95 -6.21
N ASN B 281 0.74 28.07 -4.89
CA ASN B 281 1.10 29.37 -4.29
C ASN B 281 1.89 29.16 -3.02
#